data_8PMU
#
_entry.id   8PMU
#
_cell.length_a   93.854
_cell.length_b   93.854
_cell.length_c   87.287
_cell.angle_alpha   90.00
_cell.angle_beta   90.00
_cell.angle_gamma   90.00
#
_symmetry.space_group_name_H-M   'P 41 21 2'
#
loop_
_entity.id
_entity.type
_entity.pdbx_description
1 polymer 'DUF3472 domain-containing protein'
2 non-polymer GLYCEROL
3 water water
#
_entity_poly.entity_id   1
_entity_poly.type   'polypeptide(L)'
_entity_poly.pdbx_seq_one_letter_code
;MFNQRTKNGVKKILAITAASTVFSMFGSSISIIEAASAPGVYVTPKNSVSSDIISIDWSPVQTAPYTYWAVHNWNQGGEA
GGYAGFQQQSGFDENGKRTLHFAVWDPISSKEAIKAEYVSPTSVASNFGGEGTGLKIQTTYDWKNYNWYRMTMRSWQENG
HTKFGQWLKDVSKNQWKLIGIMDFPVPNVTFNYGQTLFQEDWLGNGQDVREARVKNGYGRNISDKKWTSWNTQSIEGQEP
LNNNWDGGATSEYLWFKAGGDSRSTIGTGKTFTLNQPSQPEIGKLDYDVKSTYYENEKLNITWQLKDSSTPQFKGKIEIY
NNENMTGQPINVINDIKSYQNGISQSISLPTNTYAKIVLTDIFDQTVEKKVKIKNESPNILEGDRFAWSMKGIGDFEFAK
LDLNKSTEELQVSLIAGTPHNYFDSTYASIKVQDTSGKVVYNKEIYGNTQQNAESKTVPVKVGNFIELTHLEGGERATLT
NLDNNKRESFDKKVIYEVTKDGLKKINQIVNPKPDTEAPTQPQGLYASNVASDSVELKWNPSTDNVGVKEYQVLRDGQLI
QTVQETKVTDQNLTANKEYKYTVKAVDTAGNISVQSNILTVTTKSQNVTYEKWDPKKAYTKGDKVEYQGKFYEAVQSYQG
NGDPTWIFALSLWQPFKLI
;
_entity_poly.pdbx_strand_id   A
#
# COMPACT_ATOMS: atom_id res chain seq x y z
N SER A 37 20.30 -17.96 -8.15
CA SER A 37 20.21 -19.21 -8.94
C SER A 37 19.09 -20.20 -8.49
N ALA A 38 18.34 -19.98 -7.38
CA ALA A 38 16.97 -20.57 -7.27
C ALA A 38 16.16 -19.94 -8.41
N PRO A 39 15.28 -20.72 -9.08
CA PRO A 39 14.57 -20.10 -10.18
C PRO A 39 13.55 -19.07 -9.66
N GLY A 40 13.31 -18.01 -10.42
CA GLY A 40 12.21 -17.12 -10.11
C GLY A 40 10.88 -17.84 -10.21
N VAL A 41 9.89 -17.41 -9.43
CA VAL A 41 8.53 -17.92 -9.52
C VAL A 41 7.54 -16.72 -9.60
N TYR A 42 6.59 -16.81 -10.52
CA TYR A 42 5.54 -15.81 -10.67
C TYR A 42 4.20 -16.35 -10.25
N VAL A 43 3.37 -15.52 -9.62
CA VAL A 43 1.95 -15.82 -9.36
C VAL A 43 1.20 -14.66 -10.00
N THR A 44 0.39 -14.96 -11.03
CA THR A 44 -0.16 -13.94 -11.89
C THR A 44 -1.66 -14.06 -11.97
N PRO A 45 -2.40 -13.05 -11.52
CA PRO A 45 -3.86 -13.06 -11.75
C PRO A 45 -4.24 -13.23 -13.20
N LYS A 46 -5.25 -14.06 -13.47
CA LYS A 46 -5.74 -14.27 -14.81
C LYS A 46 -6.52 -13.07 -15.31
N ASN A 47 -7.19 -12.32 -14.45
CA ASN A 47 -8.05 -11.29 -15.07
C ASN A 47 -7.99 -9.90 -14.47
N SER A 48 -6.77 -9.41 -14.35
CA SER A 48 -6.62 -8.10 -13.72
C SER A 48 -6.82 -6.97 -14.78
N VAL A 49 -7.17 -5.80 -14.31
CA VAL A 49 -7.35 -4.63 -15.21
C VAL A 49 -6.77 -3.36 -14.63
N SER A 50 -6.77 -2.30 -15.42
CA SER A 50 -6.30 -1.02 -15.01
C SER A 50 -7.00 -0.57 -13.73
N SER A 51 -6.20 -0.18 -12.73
CA SER A 51 -6.66 0.03 -11.37
C SER A 51 -6.05 1.24 -10.74
N ASP A 52 -6.74 1.79 -9.74
CA ASP A 52 -6.21 2.88 -8.93
C ASP A 52 -5.87 2.37 -7.54
N ILE A 53 -6.42 1.23 -7.18
CA ILE A 53 -6.03 0.55 -5.95
C ILE A 53 -5.69 -0.87 -6.27
N ILE A 54 -4.60 -1.37 -5.68
CA ILE A 54 -4.20 -2.76 -5.81
C ILE A 54 -3.85 -3.31 -4.42
N SER A 55 -4.33 -4.48 -4.10
CA SER A 55 -4.13 -5.09 -2.79
C SER A 55 -3.91 -6.59 -2.82
N ILE A 56 -3.00 -7.07 -1.96
CA ILE A 56 -2.82 -8.46 -1.80
C ILE A 56 -2.33 -8.73 -0.39
N ASP A 57 -2.63 -9.95 0.09
CA ASP A 57 -2.13 -10.46 1.37
C ASP A 57 -1.03 -11.49 1.13
N TRP A 58 0.04 -11.40 1.92
CA TRP A 58 1.23 -12.25 1.79
C TRP A 58 1.65 -12.76 3.16
N SER A 59 2.17 -14.00 3.17
CA SER A 59 2.68 -14.57 4.39
C SER A 59 3.96 -15.35 4.09
N PRO A 60 5.08 -15.02 4.78
CA PRO A 60 6.33 -15.76 4.48
C PRO A 60 6.36 -17.05 5.26
N VAL A 61 6.90 -18.09 4.65
CA VAL A 61 6.96 -19.43 5.26
C VAL A 61 8.41 -19.86 5.49
N GLN A 62 9.23 -19.90 4.45
CA GLN A 62 10.67 -20.10 4.55
C GLN A 62 11.37 -18.96 3.93
N THR A 63 12.35 -18.40 4.65
CA THR A 63 12.93 -17.07 4.23
C THR A 63 14.53 -17.02 4.04
N ALA A 64 15.02 -17.56 2.94
CA ALA A 64 16.46 -17.51 2.70
C ALA A 64 16.92 -16.04 2.65
N PRO A 65 18.22 -15.77 2.91
CA PRO A 65 18.71 -14.44 2.65
C PRO A 65 18.57 -14.00 1.23
N TYR A 66 18.43 -12.69 1.08
CA TYR A 66 18.37 -12.08 -0.22
C TYR A 66 17.24 -12.66 -1.13
N THR A 67 16.09 -12.78 -0.49
CA THR A 67 14.86 -13.14 -1.18
C THR A 67 14.00 -11.86 -1.23
N TYR A 68 13.56 -11.49 -2.42
CA TYR A 68 12.64 -10.40 -2.67
C TYR A 68 11.33 -10.94 -3.22
N TRP A 69 10.25 -10.63 -2.53
CA TRP A 69 8.93 -10.90 -3.03
C TRP A 69 8.30 -9.60 -3.52
N ALA A 70 8.19 -9.41 -4.85
CA ALA A 70 7.57 -8.21 -5.41
C ALA A 70 6.15 -8.59 -5.60
N VAL A 71 5.33 -8.31 -4.59
CA VAL A 71 3.92 -8.81 -4.54
C VAL A 71 3.00 -8.01 -5.49
N HIS A 72 3.42 -6.78 -5.77
CA HIS A 72 2.76 -5.92 -6.78
C HIS A 72 3.79 -5.46 -7.79
N ASN A 73 3.37 -5.46 -9.05
CA ASN A 73 4.16 -4.96 -10.16
C ASN A 73 3.15 -4.22 -11.06
N TRP A 74 3.63 -3.17 -11.71
CA TRP A 74 2.82 -2.42 -12.66
C TRP A 74 3.66 -1.75 -13.72
N ASN A 75 3.06 -1.61 -14.90
CA ASN A 75 3.50 -0.75 -16.01
C ASN A 75 4.93 -0.96 -16.54
N GLN A 76 5.44 -2.15 -16.43
CA GLN A 76 6.72 -2.43 -17.04
C GLN A 76 6.76 -2.07 -18.54
N GLY A 77 7.81 -1.31 -18.92
CA GLY A 77 7.98 -0.87 -20.29
C GLY A 77 7.00 0.23 -20.64
N GLY A 78 6.40 0.81 -19.63
CA GLY A 78 5.44 1.93 -19.79
C GLY A 78 5.85 3.00 -18.78
N GLU A 79 4.99 4.00 -18.57
CA GLU A 79 5.26 5.09 -17.68
C GLU A 79 5.02 4.66 -16.22
N ALA A 80 5.89 5.11 -15.32
CA ALA A 80 5.88 4.76 -13.92
C ALA A 80 5.88 3.28 -13.62
N GLY A 81 6.67 2.54 -14.36
CA GLY A 81 6.89 1.13 -14.07
C GLY A 81 7.42 1.03 -12.66
N GLY A 82 6.91 0.04 -11.93
CA GLY A 82 7.32 -0.10 -10.55
C GLY A 82 6.91 -1.41 -9.94
N TYR A 83 7.37 -1.56 -8.71
CA TYR A 83 7.00 -2.74 -7.89
C TYR A 83 7.07 -2.42 -6.43
N ALA A 84 6.49 -3.29 -5.61
CA ALA A 84 6.50 -3.17 -4.17
C ALA A 84 6.38 -4.57 -3.57
N GLY A 85 6.84 -4.66 -2.34
CA GLY A 85 6.84 -5.97 -1.67
C GLY A 85 7.70 -6.04 -0.43
N PHE A 86 8.18 -7.25 -0.17
CA PHE A 86 8.88 -7.59 1.06
C PHE A 86 10.26 -8.22 0.72
N GLN A 87 11.22 -7.97 1.59
CA GLN A 87 12.52 -8.53 1.40
C GLN A 87 13.19 -9.08 2.67
N GLN A 88 13.72 -10.26 2.56
CA GLN A 88 14.67 -10.75 3.53
C GLN A 88 16.00 -10.33 3.01
N GLN A 89 16.63 -9.45 3.72
CA GLN A 89 17.96 -9.07 3.31
C GLN A 89 18.92 -10.10 4.02
N SER A 90 19.69 -9.70 4.97
CA SER A 90 20.54 -10.64 5.60
C SER A 90 19.76 -11.67 6.45
N GLY A 91 20.37 -12.83 6.58
CA GLY A 91 19.93 -13.84 7.52
C GLY A 91 18.84 -14.77 6.98
N PHE A 92 18.51 -15.76 7.79
CA PHE A 92 17.42 -16.69 7.54
C PHE A 92 16.16 -16.41 8.30
N ASP A 93 16.18 -15.52 9.27
CA ASP A 93 15.04 -15.38 10.18
C ASP A 93 14.83 -13.92 10.66
N GLU A 94 14.01 -13.74 11.68
CA GLU A 94 13.68 -12.42 12.27
C GLU A 94 14.87 -11.61 12.79
N ASN A 95 15.96 -12.28 13.14
CA ASN A 95 17.21 -11.60 13.53
C ASN A 95 17.98 -10.96 12.38
N GLY A 96 17.66 -11.32 11.13
CA GLY A 96 18.18 -10.67 9.97
C GLY A 96 17.42 -9.41 9.57
N LYS A 97 17.91 -8.70 8.56
CA LYS A 97 17.26 -7.46 8.19
C LYS A 97 16.02 -7.88 7.36
N ARG A 98 14.84 -7.46 7.82
CA ARG A 98 13.60 -7.60 7.02
C ARG A 98 13.04 -6.24 6.73
N THR A 99 12.62 -6.10 5.48
CA THR A 99 12.10 -4.87 4.99
C THR A 99 10.91 -4.95 4.05
N LEU A 100 10.28 -3.79 3.86
CA LEU A 100 9.36 -3.55 2.78
C LEU A 100 10.13 -2.81 1.72
N HIS A 101 9.72 -2.95 0.47
CA HIS A 101 10.33 -2.32 -0.67
C HIS A 101 9.23 -1.65 -1.53
N PHE A 102 9.60 -0.60 -2.25
CA PHE A 102 8.65 0.13 -3.11
C PHE A 102 9.57 0.91 -4.05
N ALA A 103 9.50 0.62 -5.34
CA ALA A 103 10.32 1.32 -6.34
C ALA A 103 9.59 1.68 -7.60
N VAL A 104 9.93 2.83 -8.13
CA VAL A 104 9.41 3.32 -9.38
C VAL A 104 10.58 3.86 -10.24
N TRP A 105 10.59 3.35 -11.44
CA TRP A 105 11.59 3.71 -12.46
C TRP A 105 11.59 5.16 -12.89
N ASP A 106 12.72 5.59 -13.45
CA ASP A 106 12.88 6.97 -14.00
C ASP A 106 11.64 7.34 -14.80
N PRO A 107 11.01 8.52 -14.53
CA PRO A 107 9.94 8.93 -15.38
C PRO A 107 10.38 9.08 -16.84
N ILE A 108 9.53 8.62 -17.72
CA ILE A 108 9.80 8.60 -19.15
C ILE A 108 9.42 9.93 -19.80
N SER A 109 8.23 10.45 -19.51
CA SER A 109 7.67 11.70 -20.09
C SER A 109 8.19 12.98 -19.48
N SER A 110 8.78 12.90 -18.31
CA SER A 110 9.40 14.05 -17.62
C SER A 110 10.82 13.80 -17.39
N LYS A 111 11.61 14.87 -17.46
CA LYS A 111 12.99 14.86 -17.09
C LYS A 111 13.21 14.98 -15.60
N GLU A 112 12.16 15.29 -14.83
CA GLU A 112 12.27 15.59 -13.42
C GLU A 112 12.34 14.28 -12.60
N ALA A 113 12.83 14.41 -11.37
CA ALA A 113 12.91 13.30 -10.41
C ALA A 113 11.61 13.10 -9.67
N ILE A 114 11.39 11.83 -9.36
CA ILE A 114 10.36 11.42 -8.40
C ILE A 114 10.81 11.91 -7.03
N LYS A 115 9.89 12.50 -6.27
CA LYS A 115 10.16 13.00 -4.91
C LYS A 115 9.54 12.11 -3.88
N ALA A 116 10.25 11.91 -2.76
CA ALA A 116 9.66 11.21 -1.62
C ALA A 116 8.76 12.16 -0.86
N GLU A 117 7.47 12.14 -1.10
CA GLU A 117 6.57 13.03 -0.41
C GLU A 117 6.41 12.60 1.01
N TYR A 118 6.25 11.29 1.29
CA TYR A 118 6.17 10.82 2.65
C TYR A 118 7.06 9.61 2.80
N VAL A 119 7.79 9.57 3.91
CA VAL A 119 8.46 8.31 4.29
C VAL A 119 8.16 8.03 5.76
N SER A 120 7.84 6.77 6.11
CA SER A 120 7.51 6.44 7.46
C SER A 120 8.77 6.48 8.37
N PRO A 121 8.58 6.34 9.68
CA PRO A 121 9.72 6.45 10.61
C PRO A 121 10.87 5.53 10.39
N THR A 122 10.65 4.34 9.80
CA THR A 122 11.74 3.45 9.47
C THR A 122 12.06 3.31 8.02
N SER A 123 11.67 4.30 7.22
CA SER A 123 11.81 4.25 5.80
C SER A 123 12.96 5.11 5.37
N VAL A 124 13.63 4.71 4.28
CA VAL A 124 14.64 5.54 3.65
C VAL A 124 14.44 5.60 2.17
N ALA A 125 14.42 6.80 1.64
CA ALA A 125 14.28 7.00 0.23
C ALA A 125 15.65 7.14 -0.44
N SER A 126 15.79 6.60 -1.63
CA SER A 126 16.99 6.76 -2.45
C SER A 126 16.70 6.76 -3.93
N ASN A 127 17.64 7.31 -4.70
CA ASN A 127 17.62 7.24 -6.16
C ASN A 127 17.57 5.84 -6.71
N PHE A 128 16.98 5.72 -7.89
CA PHE A 128 16.66 4.39 -8.44
C PHE A 128 16.41 4.56 -9.91
N GLY A 129 16.65 3.50 -10.67
CA GLY A 129 16.51 3.55 -12.13
C GLY A 129 17.84 3.86 -12.84
N GLY A 130 17.87 3.48 -14.11
CA GLY A 130 19.02 3.68 -14.95
C GLY A 130 19.66 5.05 -14.94
N GLU A 131 18.89 6.14 -14.73
CA GLU A 131 19.43 7.52 -14.74
C GLU A 131 19.31 8.25 -13.39
N GLY A 132 18.97 7.52 -12.33
CA GLY A 132 18.81 8.09 -11.00
C GLY A 132 17.71 9.14 -10.74
N THR A 133 16.68 9.20 -11.60
CA THR A 133 15.44 10.01 -11.38
C THR A 133 14.22 9.18 -10.95
N GLY A 134 14.38 7.87 -10.91
CA GLY A 134 13.44 7.07 -10.16
C GLY A 134 13.68 7.15 -8.65
N LEU A 135 12.93 6.34 -7.93
CA LEU A 135 12.96 6.40 -6.48
C LEU A 135 12.61 5.02 -5.94
N LYS A 136 13.26 4.65 -4.86
CA LYS A 136 12.93 3.53 -4.05
C LYS A 136 12.78 3.97 -2.60
N ILE A 137 11.84 3.38 -1.89
CA ILE A 137 11.63 3.59 -0.47
C ILE A 137 11.74 2.19 0.19
N GLN A 138 12.78 1.99 1.02
CA GLN A 138 12.99 0.74 1.73
C GLN A 138 12.68 1.01 3.18
N THR A 139 11.92 0.11 3.78
CA THR A 139 11.40 0.32 5.10
C THR A 139 11.76 -0.87 6.00
N THR A 140 12.51 -0.65 7.08
CA THR A 140 12.72 -1.72 8.05
C THR A 140 11.41 -2.07 8.68
N TYR A 141 11.05 -3.37 8.66
CA TYR A 141 9.74 -3.79 9.13
C TYR A 141 9.85 -5.22 9.61
N ASP A 142 9.42 -5.45 10.84
CA ASP A 142 9.72 -6.73 11.52
C ASP A 142 8.57 -7.68 11.23
N TRP A 143 8.40 -8.05 9.98
CA TRP A 143 7.40 -9.02 9.63
C TRP A 143 7.90 -10.43 10.08
N LYS A 144 6.94 -11.33 10.32
CA LYS A 144 7.16 -12.63 10.94
C LYS A 144 6.63 -13.74 10.08
N ASN A 145 7.39 -14.83 10.02
CA ASN A 145 6.91 -16.09 9.40
C ASN A 145 5.52 -16.47 9.83
N TYR A 146 4.71 -16.83 8.85
CA TYR A 146 3.38 -17.37 8.99
C TYR A 146 2.36 -16.34 9.47
N ASN A 147 2.70 -15.05 9.45
CA ASN A 147 1.77 -14.03 9.81
C ASN A 147 1.43 -13.41 8.46
N TRP A 148 0.29 -12.77 8.40
CA TRP A 148 -0.25 -12.18 7.20
C TRP A 148 -0.07 -10.66 7.15
N TYR A 149 0.28 -10.18 5.98
CA TYR A 149 0.51 -8.78 5.77
C TYR A 149 -0.22 -8.35 4.49
N ARG A 150 -1.11 -7.36 4.61
CA ARG A 150 -1.80 -6.83 3.47
C ARG A 150 -1.02 -5.62 2.90
N MET A 151 -0.68 -5.65 1.61
CA MET A 151 -0.05 -4.47 1.08
C MET A 151 -1.03 -3.90 0.09
N THR A 152 -1.41 -2.65 0.34
CA THR A 152 -2.36 -1.95 -0.50
C THR A 152 -1.73 -0.70 -1.03
N MET A 153 -1.69 -0.62 -2.36
CA MET A 153 -1.22 0.56 -3.05
C MET A 153 -2.37 1.38 -3.61
N ARG A 154 -2.18 2.71 -3.67
CA ARG A 154 -3.15 3.56 -4.31
C ARG A 154 -2.44 4.62 -5.10
N SER A 155 -2.96 4.90 -6.29
CA SER A 155 -2.48 6.00 -7.08
C SER A 155 -3.59 7.02 -7.24
N TRP A 156 -3.20 8.27 -7.26
CA TRP A 156 -4.11 9.41 -7.37
C TRP A 156 -3.50 10.63 -7.96
N GLN A 157 -4.39 11.53 -8.39
CA GLN A 157 -3.91 12.77 -9.04
C GLN A 157 -3.88 13.88 -8.03
N GLU A 158 -2.82 14.67 -8.04
CA GLU A 158 -2.72 15.78 -7.14
C GLU A 158 -1.74 16.79 -7.75
N ASN A 159 -2.16 18.06 -7.88
CA ASN A 159 -1.30 19.17 -8.30
C ASN A 159 -0.61 18.93 -9.61
N GLY A 160 -1.35 18.32 -10.55
CA GLY A 160 -0.82 17.98 -11.88
C GLY A 160 0.16 16.82 -11.98
N HIS A 161 0.31 16.07 -10.88
CA HIS A 161 1.24 14.93 -10.79
C HIS A 161 0.46 13.71 -10.37
N THR A 162 1.10 12.54 -10.48
CA THR A 162 0.49 11.33 -9.99
C THR A 162 1.19 10.99 -8.69
N LYS A 163 0.44 10.63 -7.67
CA LYS A 163 1.00 10.16 -6.40
C LYS A 163 0.79 8.65 -6.32
N PHE A 164 1.80 7.93 -5.82
CA PHE A 164 1.70 6.51 -5.52
C PHE A 164 1.96 6.29 -4.02
N GLY A 165 1.00 5.66 -3.35
CA GLY A 165 1.05 5.43 -1.90
C GLY A 165 1.10 3.97 -1.55
N GLN A 166 1.86 3.63 -0.51
CA GLN A 166 2.05 2.27 -0.01
C GLN A 166 1.53 2.21 1.39
N TRP A 167 0.55 1.35 1.62
CA TRP A 167 0.04 1.10 2.98
C TRP A 167 0.19 -0.37 3.32
N LEU A 168 0.38 -0.70 4.60
CA LEU A 168 0.60 -2.05 5.04
C LEU A 168 -0.29 -2.36 6.24
N LYS A 169 -1.06 -3.43 6.18
CA LYS A 169 -1.83 -3.90 7.35
C LYS A 169 -1.09 -5.13 7.95
N ASP A 170 -0.75 -5.03 9.23
CA ASP A 170 -0.26 -6.17 9.99
C ASP A 170 -1.52 -6.89 10.51
N VAL A 171 -1.87 -7.99 9.89
CA VAL A 171 -3.16 -8.65 10.14
C VAL A 171 -3.26 -9.15 11.60
N SER A 172 -2.21 -9.77 12.10
CA SER A 172 -2.18 -10.31 13.47
C SER A 172 -2.36 -9.22 14.49
N LYS A 173 -1.64 -8.12 14.34
CA LYS A 173 -1.84 -6.97 15.21
C LYS A 173 -3.07 -6.13 14.91
N ASN A 174 -3.65 -6.31 13.76
CA ASN A 174 -4.83 -5.54 13.31
C ASN A 174 -4.53 -4.06 13.31
N GLN A 175 -3.44 -3.72 12.62
CA GLN A 175 -2.87 -2.38 12.59
C GLN A 175 -2.44 -2.01 11.17
N TRP A 176 -3.04 -0.93 10.64
CA TRP A 176 -2.58 -0.31 9.39
C TRP A 176 -1.44 0.67 9.63
N LYS A 177 -0.51 0.79 8.67
CA LYS A 177 0.47 1.83 8.64
C LYS A 177 0.68 2.39 7.23
N LEU A 178 0.75 3.72 7.16
CA LEU A 178 1.25 4.39 5.96
C LEU A 178 2.75 4.22 5.91
N ILE A 179 3.22 3.71 4.79
CA ILE A 179 4.65 3.51 4.53
C ILE A 179 5.36 4.62 3.75
N GLY A 180 4.82 4.97 2.60
CA GLY A 180 5.51 5.87 1.69
C GLY A 180 4.59 6.37 0.61
N ILE A 181 4.89 7.58 0.20
CA ILE A 181 4.24 8.19 -0.94
C ILE A 181 5.26 8.82 -1.84
N MET A 182 5.19 8.42 -3.09
CA MET A 182 6.01 9.01 -4.13
C MET A 182 5.21 10.03 -4.94
N ASP A 183 5.88 11.12 -5.27
CA ASP A 183 5.34 12.22 -6.08
C ASP A 183 5.98 12.11 -7.46
N PHE A 184 5.25 11.51 -8.40
CA PHE A 184 5.67 11.25 -9.76
C PHE A 184 5.26 12.39 -10.73
N PRO A 185 6.23 12.95 -11.46
CA PRO A 185 6.04 14.20 -12.20
C PRO A 185 5.38 14.08 -13.57
N VAL A 186 4.35 13.23 -13.67
CA VAL A 186 3.57 13.07 -14.89
C VAL A 186 2.15 12.82 -14.46
N PRO A 187 1.18 13.56 -15.05
CA PRO A 187 -0.19 13.34 -14.66
C PRO A 187 -0.73 12.09 -15.33
N ASN A 188 -1.80 11.60 -14.74
CA ASN A 188 -2.74 10.60 -15.32
C ASN A 188 -2.20 9.17 -15.46
N VAL A 189 -1.30 8.77 -14.59
CA VAL A 189 -0.77 7.42 -14.62
C VAL A 189 -1.50 6.64 -13.57
N THR A 190 -1.85 5.39 -13.85
CA THR A 190 -2.43 4.48 -12.84
C THR A 190 -1.65 3.18 -12.80
N PHE A 191 -2.17 2.20 -12.10
CA PHE A 191 -1.68 0.80 -12.22
C PHE A 191 -2.32 0.17 -13.46
N ASN A 192 -1.75 0.54 -14.59
CA ASN A 192 -2.40 0.32 -15.89
C ASN A 192 -2.48 -1.19 -16.29
N TYR A 193 -1.35 -1.91 -16.13
CA TYR A 193 -1.24 -3.31 -16.43
C TYR A 193 -0.05 -3.93 -15.67
N GLY A 194 0.16 -5.24 -15.83
CA GLY A 194 1.37 -5.92 -15.32
C GLY A 194 1.24 -6.62 -13.96
N GLN A 195 0.06 -6.62 -13.41
CA GLN A 195 -0.12 -7.17 -12.10
C GLN A 195 0.43 -8.60 -12.05
N THR A 196 1.32 -8.83 -11.08
CA THR A 196 1.87 -10.17 -10.83
C THR A 196 2.69 -10.07 -9.56
N LEU A 197 2.92 -11.23 -8.94
CA LEU A 197 3.93 -11.41 -7.90
C LEU A 197 5.12 -12.22 -8.42
N PHE A 198 6.32 -11.85 -7.98
CA PHE A 198 7.55 -12.50 -8.34
C PHE A 198 8.30 -12.77 -7.04
N GLN A 199 8.78 -13.98 -6.87
CA GLN A 199 9.68 -14.35 -5.80
C GLN A 199 11.07 -14.56 -6.44
N GLU A 200 12.05 -13.81 -5.97
CA GLU A 200 13.38 -13.79 -6.58
C GLU A 200 14.44 -14.07 -5.54
N ASP A 201 15.39 -14.91 -5.94
CA ASP A 201 16.70 -15.07 -5.30
C ASP A 201 17.59 -14.07 -6.03
N TRP A 202 17.92 -12.91 -5.47
CA TRP A 202 18.67 -11.95 -6.26
C TRP A 202 20.18 -12.19 -6.23
N LEU A 203 20.69 -12.91 -5.23
CA LEU A 203 22.16 -13.04 -5.05
C LEU A 203 22.78 -14.31 -5.63
N GLY A 204 22.05 -15.42 -5.65
CA GLY A 204 22.58 -16.60 -6.31
C GLY A 204 22.51 -17.89 -5.54
N ASN A 205 21.77 -17.92 -4.46
CA ASN A 205 21.97 -18.93 -3.44
C ASN A 205 20.85 -19.99 -3.53
N GLY A 206 20.82 -20.69 -4.68
CA GLY A 206 19.78 -21.68 -4.97
C GLY A 206 19.62 -22.83 -3.99
N GLN A 207 20.58 -23.01 -3.07
CA GLN A 207 20.49 -24.11 -2.13
C GLN A 207 19.62 -23.87 -0.94
N ASP A 208 19.16 -22.65 -0.72
CA ASP A 208 18.28 -22.35 0.41
C ASP A 208 16.86 -22.27 -0.13
N VAL A 209 15.91 -22.97 0.46
CA VAL A 209 14.48 -22.84 0.08
C VAL A 209 13.88 -21.44 0.48
N ARG A 210 13.06 -20.88 -0.40
CA ARG A 210 12.26 -19.71 -0.12
C ARG A 210 10.82 -20.11 -0.47
N GLU A 211 9.89 -19.81 0.40
CA GLU A 211 8.46 -20.17 0.29
C GLU A 211 7.61 -19.13 0.92
N ALA A 212 6.47 -18.85 0.31
CA ALA A 212 5.50 -17.92 0.84
C ALA A 212 4.12 -18.25 0.23
N ARG A 213 3.14 -17.49 0.71
CA ARG A 213 1.71 -17.72 0.44
C ARG A 213 1.06 -16.39 0.12
N VAL A 214 0.06 -16.40 -0.74
CA VAL A 214 -0.76 -15.22 -1.00
C VAL A 214 -2.24 -15.53 -1.10
N LYS A 215 -3.02 -14.50 -0.85
CA LYS A 215 -4.46 -14.58 -0.92
C LYS A 215 -5.02 -13.22 -0.99
N ASN A 216 -6.34 -13.11 -1.18
CA ASN A 216 -7.07 -11.84 -1.13
C ASN A 216 -6.50 -10.77 -2.09
N GLY A 217 -6.29 -11.21 -3.31
CA GLY A 217 -5.86 -10.33 -4.40
C GLY A 217 -7.09 -9.56 -4.93
N TYR A 218 -7.02 -8.23 -4.94
CA TYR A 218 -8.11 -7.39 -5.50
C TYR A 218 -7.54 -6.10 -6.06
N GLY A 219 -8.25 -5.60 -7.04
CA GLY A 219 -7.94 -4.33 -7.63
C GLY A 219 -9.20 -3.50 -7.70
N ARG A 220 -9.05 -2.18 -7.69
CA ARG A 220 -10.22 -1.34 -7.91
C ARG A 220 -10.11 -0.73 -9.31
N ASN A 221 -11.13 -0.91 -10.14
CA ASN A 221 -11.05 -0.62 -11.55
C ASN A 221 -11.06 0.88 -11.81
N ILE A 222 -10.21 1.32 -12.70
CA ILE A 222 -10.32 2.67 -13.28
C ILE A 222 -11.65 2.83 -14.02
N SER A 223 -12.10 1.81 -14.70
CA SER A 223 -13.29 1.93 -15.61
C SER A 223 -14.55 2.35 -14.86
N ASP A 224 -14.85 1.69 -13.76
CA ASP A 224 -16.10 1.92 -13.01
C ASP A 224 -15.97 1.98 -11.51
N LYS A 225 -14.73 2.03 -10.99
CA LYS A 225 -14.53 2.13 -9.56
C LYS A 225 -15.09 0.94 -8.79
N LYS A 226 -15.29 -0.18 -9.45
CA LYS A 226 -15.71 -1.39 -8.81
C LYS A 226 -14.51 -2.26 -8.58
N TRP A 227 -14.67 -3.27 -7.74
CA TRP A 227 -13.56 -4.22 -7.47
C TRP A 227 -13.50 -5.39 -8.40
N THR A 228 -12.29 -5.80 -8.71
CA THR A 228 -12.03 -7.02 -9.46
C THR A 228 -11.32 -7.96 -8.49
N SER A 229 -11.82 -9.19 -8.44
CA SER A 229 -11.30 -10.22 -7.56
C SER A 229 -10.39 -11.13 -8.34
N TRP A 230 -9.14 -11.25 -7.88
CA TRP A 230 -8.18 -12.12 -8.51
C TRP A 230 -8.33 -13.51 -7.94
N ASN A 231 -9.46 -14.13 -8.26
CA ASN A 231 -9.77 -15.45 -7.71
C ASN A 231 -9.08 -16.57 -8.44
N THR A 232 -8.54 -16.29 -9.63
CA THR A 232 -7.88 -17.27 -10.46
C THR A 232 -6.50 -16.73 -10.78
N GLN A 233 -5.46 -17.48 -10.43
CA GLN A 233 -4.06 -17.07 -10.62
C GLN A 233 -3.21 -18.24 -11.05
N SER A 234 -2.25 -17.95 -11.93
CA SER A 234 -1.34 -18.93 -12.45
C SER A 234 0.00 -18.90 -11.69
N ILE A 235 0.53 -20.07 -11.31
CA ILE A 235 1.81 -20.13 -10.61
C ILE A 235 2.77 -20.71 -11.63
N GLU A 236 3.85 -20.04 -11.90
CA GLU A 236 4.71 -20.46 -13.02
C GLU A 236 6.19 -20.16 -12.67
N GLY A 237 7.06 -21.16 -12.80
CA GLY A 237 8.51 -20.95 -12.60
C GLY A 237 9.01 -20.15 -13.77
N GLN A 238 9.94 -19.24 -13.52
CA GLN A 238 10.51 -18.36 -14.51
C GLN A 238 11.23 -19.11 -15.64
N GLU A 239 11.73 -20.32 -15.40
CA GLU A 239 12.37 -21.07 -16.52
C GLU A 239 11.86 -22.49 -16.58
N PRO A 240 11.20 -22.83 -17.71
CA PRO A 240 10.59 -24.12 -17.85
C PRO A 240 11.58 -25.29 -17.77
N LEU A 241 12.85 -25.05 -18.05
CA LEU A 241 13.91 -26.07 -17.91
C LEU A 241 14.29 -26.40 -16.50
N ASN A 242 13.86 -25.60 -15.52
CA ASN A 242 14.40 -25.75 -14.16
C ASN A 242 13.19 -25.99 -13.31
N ASN A 243 13.16 -27.18 -12.69
CA ASN A 243 12.03 -27.65 -11.85
C ASN A 243 12.25 -27.52 -10.37
N ASN A 244 13.20 -26.67 -10.01
CA ASN A 244 13.63 -26.52 -8.61
C ASN A 244 12.71 -25.51 -7.90
N TRP A 245 11.41 -25.70 -8.05
CA TRP A 245 10.39 -24.81 -7.53
C TRP A 245 9.10 -25.64 -7.53
N ASP A 246 8.04 -25.15 -6.90
CA ASP A 246 6.78 -25.87 -6.78
C ASP A 246 5.75 -24.87 -6.35
N GLY A 247 4.49 -25.24 -6.51
CA GLY A 247 3.40 -24.42 -6.03
C GLY A 247 2.13 -25.21 -5.92
N GLY A 248 1.15 -24.58 -5.30
CA GLY A 248 -0.16 -25.18 -5.06
C GLY A 248 -1.14 -24.27 -4.37
N ALA A 249 -2.26 -24.85 -3.93
CA ALA A 249 -3.30 -24.09 -3.28
C ALA A 249 -3.94 -24.92 -2.22
N THR A 250 -4.26 -24.30 -1.12
CA THR A 250 -5.21 -24.88 -0.19
C THR A 250 -6.48 -24.16 -0.48
N SER A 251 -7.51 -24.43 0.28
CA SER A 251 -8.70 -23.61 0.11
C SER A 251 -8.50 -22.18 0.64
N GLU A 252 -7.45 -21.89 1.43
CA GLU A 252 -7.29 -20.49 1.92
C GLU A 252 -6.28 -19.68 1.12
N TYR A 253 -5.25 -20.28 0.53
CA TYR A 253 -4.17 -19.52 -0.10
C TYR A 253 -3.45 -20.27 -1.21
N LEU A 254 -2.77 -19.51 -2.03
CA LEU A 254 -1.84 -20.07 -2.98
C LEU A 254 -0.48 -20.13 -2.32
N TRP A 255 0.31 -21.17 -2.59
CA TRP A 255 1.64 -21.25 -2.03
C TRP A 255 2.62 -21.55 -3.14
N PHE A 256 3.86 -21.15 -2.92
CA PHE A 256 4.91 -21.30 -3.92
C PHE A 256 6.23 -21.36 -3.21
N LYS A 257 7.19 -22.09 -3.81
CA LYS A 257 8.56 -22.14 -3.28
C LYS A 257 9.54 -22.42 -4.35
N ALA A 258 10.79 -22.10 -4.07
CA ALA A 258 11.90 -22.37 -4.93
C ALA A 258 13.16 -22.63 -4.08
N GLY A 259 14.05 -23.44 -4.64
CA GLY A 259 15.37 -23.63 -4.02
C GLY A 259 15.38 -24.88 -3.22
N GLY A 260 16.59 -25.26 -2.78
CA GLY A 260 16.70 -26.42 -1.91
C GLY A 260 16.28 -27.67 -2.67
N ASP A 261 15.50 -28.49 -1.99
CA ASP A 261 14.99 -29.71 -2.55
C ASP A 261 13.63 -29.55 -3.23
N SER A 262 13.22 -28.31 -3.52
CA SER A 262 11.93 -28.10 -4.22
C SER A 262 11.95 -28.78 -5.57
N ARG A 263 10.83 -29.42 -5.92
CA ARG A 263 10.74 -30.09 -7.21
C ARG A 263 9.29 -29.93 -7.65
N SER A 264 9.09 -29.44 -8.86
CA SER A 264 7.76 -29.06 -9.27
C SER A 264 6.90 -30.28 -9.36
N THR A 265 5.72 -30.18 -8.75
CA THR A 265 4.61 -31.15 -8.89
C THR A 265 3.54 -30.65 -9.87
N ILE A 266 3.76 -29.51 -10.51
CA ILE A 266 2.72 -28.89 -11.38
C ILE A 266 3.31 -28.52 -12.72
N GLY A 267 4.28 -29.32 -13.15
CA GLY A 267 4.93 -29.15 -14.44
C GLY A 267 5.63 -27.81 -14.50
N THR A 268 5.44 -27.12 -15.64
CA THR A 268 6.03 -25.80 -15.86
C THR A 268 5.15 -24.65 -15.29
N GLY A 269 3.96 -24.98 -14.82
CA GLY A 269 2.99 -24.01 -14.25
C GLY A 269 1.58 -24.50 -14.37
N LYS A 270 0.73 -23.84 -13.60
CA LYS A 270 -0.64 -24.25 -13.42
C LYS A 270 -1.45 -23.16 -12.76
N THR A 271 -2.71 -23.11 -13.15
CA THR A 271 -3.70 -22.18 -12.59
C THR A 271 -4.48 -22.78 -11.47
N PHE A 272 -4.64 -21.99 -10.41
CA PHE A 272 -5.37 -22.35 -9.22
C PHE A 272 -6.42 -21.30 -8.94
N THR A 273 -7.47 -21.73 -8.28
CA THR A 273 -8.58 -20.88 -7.86
C THR A 273 -8.66 -20.76 -6.38
N LEU A 274 -9.02 -19.59 -5.88
CA LEU A 274 -9.44 -19.40 -4.50
C LEU A 274 -10.87 -18.91 -4.48
N ASN A 275 -11.71 -19.49 -3.64
CA ASN A 275 -13.09 -19.04 -3.60
C ASN A 275 -13.30 -17.93 -2.60
N GLN A 276 -12.89 -16.72 -2.97
CA GLN A 276 -12.89 -15.58 -2.12
C GLN A 276 -14.06 -14.73 -2.44
N PRO A 277 -14.40 -13.81 -1.55
CA PRO A 277 -15.48 -12.90 -1.85
C PRO A 277 -15.24 -12.04 -3.07
N SER A 278 -16.30 -11.72 -3.83
CA SER A 278 -16.11 -10.82 -4.98
C SER A 278 -15.62 -9.41 -4.59
N GLN A 279 -15.94 -8.97 -3.36
CA GLN A 279 -15.52 -7.68 -2.79
C GLN A 279 -14.53 -7.93 -1.67
N PRO A 280 -13.51 -7.08 -1.55
CA PRO A 280 -12.56 -7.21 -0.44
C PRO A 280 -13.24 -6.88 0.87
N GLU A 281 -12.80 -7.48 1.96
CA GLU A 281 -13.29 -7.12 3.33
C GLU A 281 -12.55 -5.91 3.81
N ILE A 282 -13.26 -4.79 3.81
CA ILE A 282 -12.70 -3.47 4.21
C ILE A 282 -13.20 -3.21 5.64
N GLY A 283 -12.32 -2.79 6.49
CA GLY A 283 -12.65 -2.34 7.83
C GLY A 283 -13.33 -1.01 7.85
N LYS A 284 -13.43 -0.46 9.05
CA LYS A 284 -14.09 0.80 9.20
C LYS A 284 -13.06 1.76 9.58
N LEU A 285 -13.29 2.99 9.14
CA LEU A 285 -12.55 4.16 9.58
C LEU A 285 -13.12 4.58 10.92
N ASP A 286 -12.27 4.69 11.93
CA ASP A 286 -12.69 5.17 13.25
C ASP A 286 -11.55 5.98 13.83
N TYR A 287 -11.89 7.11 14.44
CA TYR A 287 -10.91 7.99 15.08
C TYR A 287 -11.52 8.79 16.23
N ASP A 288 -10.68 9.47 16.98
CA ASP A 288 -11.10 10.29 18.08
C ASP A 288 -10.49 11.67 17.88
N VAL A 289 -11.27 12.71 18.17
CA VAL A 289 -10.74 14.06 18.25
C VAL A 289 -10.04 14.17 19.59
N LYS A 290 -8.82 14.71 19.57
CA LYS A 290 -7.97 14.86 20.76
C LYS A 290 -7.87 16.26 21.29
N SER A 291 -7.99 17.25 20.43
CA SER A 291 -7.92 18.65 20.86
C SER A 291 -8.75 19.49 19.92
N THR A 292 -9.39 20.53 20.44
CA THR A 292 -10.14 21.45 19.61
C THR A 292 -10.27 22.75 20.31
N TYR A 293 -9.26 23.61 20.13
CA TYR A 293 -9.32 24.93 20.73
C TYR A 293 -8.89 26.09 19.88
N TYR A 294 -9.37 27.24 20.33
CA TYR A 294 -9.15 28.47 19.67
C TYR A 294 -8.75 29.54 20.70
N GLU A 295 -7.71 30.29 20.41
CA GLU A 295 -7.08 31.13 21.40
C GLU A 295 -6.01 31.92 20.70
N ASN A 296 -6.03 33.24 20.85
CA ASN A 296 -5.10 34.16 20.17
C ASN A 296 -5.16 34.03 18.69
N GLU A 297 -6.36 33.85 18.17
CA GLU A 297 -6.59 33.65 16.72
C GLU A 297 -5.86 32.46 16.05
N LYS A 298 -5.61 31.39 16.82
CA LYS A 298 -5.02 30.21 16.27
C LYS A 298 -5.96 29.09 16.59
N LEU A 299 -6.43 28.39 15.55
CA LEU A 299 -7.25 27.19 15.73
C LEU A 299 -6.35 25.96 15.71
N ASN A 300 -6.45 25.16 16.74
CA ASN A 300 -5.76 23.84 16.83
C ASN A 300 -6.77 22.73 17.02
N ILE A 301 -6.78 21.81 16.06
CA ILE A 301 -7.58 20.61 16.12
C ILE A 301 -6.67 19.43 15.78
N THR A 302 -6.76 18.37 16.56
CA THR A 302 -5.93 17.17 16.34
C THR A 302 -6.84 15.96 16.54
N TRP A 303 -6.51 14.87 15.87
CA TRP A 303 -7.21 13.62 16.06
C TRP A 303 -6.25 12.47 16.00
N GLN A 304 -6.75 11.32 16.37
CA GLN A 304 -5.97 10.09 16.31
C GLN A 304 -6.84 8.95 15.85
N LEU A 305 -6.44 8.30 14.77
CA LEU A 305 -7.14 7.11 14.30
C LEU A 305 -7.02 6.02 15.37
N LYS A 306 -8.10 5.27 15.53
CA LYS A 306 -8.09 4.13 16.42
C LYS A 306 -7.10 3.10 15.87
N ASP A 307 -6.48 2.37 16.76
CA ASP A 307 -5.48 1.38 16.35
C ASP A 307 -5.98 0.42 15.25
N SER A 308 -7.25 0.05 15.26
CA SER A 308 -7.79 -0.87 14.26
C SER A 308 -8.38 -0.19 13.05
N SER A 309 -8.16 1.13 12.88
CA SER A 309 -8.87 1.87 11.81
C SER A 309 -8.21 1.60 10.45
N THR A 310 -9.00 1.69 9.41
CA THR A 310 -8.48 1.82 8.07
C THR A 310 -7.72 3.16 8.01
N PRO A 311 -6.71 3.25 7.14
CA PRO A 311 -5.83 4.41 7.22
C PRO A 311 -6.43 5.59 6.50
N GLN A 312 -6.06 6.75 6.99
CA GLN A 312 -6.56 8.04 6.50
C GLN A 312 -5.97 8.38 5.10
N PHE A 313 -6.83 8.92 4.24
CA PHE A 313 -6.43 9.33 2.88
C PHE A 313 -6.48 10.81 2.72
N LYS A 314 -7.57 11.44 3.21
CA LYS A 314 -7.73 12.91 3.14
C LYS A 314 -8.77 13.41 4.20
N GLY A 315 -8.79 14.72 4.39
CA GLY A 315 -9.71 15.35 5.31
C GLY A 315 -10.07 16.74 4.91
N LYS A 316 -11.19 17.18 5.46
CA LYS A 316 -11.50 18.60 5.45
C LYS A 316 -12.29 18.91 6.69
N ILE A 317 -12.29 20.17 7.10
CA ILE A 317 -13.01 20.57 8.28
C ILE A 317 -13.87 21.75 7.89
N GLU A 318 -15.16 21.65 8.21
CA GLU A 318 -16.11 22.76 7.95
C GLU A 318 -16.44 23.39 9.27
N ILE A 319 -16.34 24.71 9.33
CA ILE A 319 -16.67 25.43 10.54
C ILE A 319 -18.00 26.19 10.36
N TYR A 320 -18.89 25.98 11.33
CA TYR A 320 -20.21 26.60 11.31
C TYR A 320 -20.37 27.53 12.52
N ASN A 321 -21.17 28.58 12.30
CA ASN A 321 -21.65 29.47 13.37
C ASN A 321 -22.83 28.96 14.15
N ASN A 322 -23.33 27.75 13.90
CA ASN A 322 -24.43 27.22 14.70
C ASN A 322 -24.26 25.75 14.96
N GLU A 323 -24.78 25.30 16.07
CA GLU A 323 -24.67 23.90 16.50
C GLU A 323 -25.24 22.86 15.52
N ASN A 324 -26.36 23.19 14.88
CA ASN A 324 -27.03 22.19 13.99
C ASN A 324 -26.24 22.06 12.69
N MET A 325 -25.33 23.03 12.45
CA MET A 325 -24.45 23.09 11.25
C MET A 325 -25.31 23.13 10.02
N THR A 326 -26.35 23.96 10.09
CA THR A 326 -27.17 24.24 8.92
C THR A 326 -26.57 25.43 8.17
N GLY A 327 -27.00 25.62 6.94
CA GLY A 327 -26.47 26.65 6.08
C GLY A 327 -25.02 26.39 5.66
N GLN A 328 -24.39 27.43 5.14
CA GLN A 328 -23.04 27.35 4.66
C GLN A 328 -22.07 27.50 5.83
N PRO A 329 -20.96 26.77 5.76
CA PRO A 329 -19.92 26.98 6.75
C PRO A 329 -19.38 28.37 6.62
N ILE A 330 -18.98 28.96 7.71
CA ILE A 330 -18.32 30.26 7.65
C ILE A 330 -16.86 30.12 7.25
N ASN A 331 -16.26 28.94 7.48
CA ASN A 331 -14.87 28.64 7.04
C ASN A 331 -14.74 27.18 6.77
N VAL A 332 -13.87 26.89 5.80
CA VAL A 332 -13.43 25.52 5.48
C VAL A 332 -11.87 25.42 5.44
N ILE A 333 -11.37 24.36 6.03
CA ILE A 333 -9.96 24.00 5.96
C ILE A 333 -9.91 22.71 5.13
N ASN A 334 -9.36 22.87 3.94
CA ASN A 334 -9.31 21.84 2.89
C ASN A 334 -7.91 21.21 2.83
N ASP A 335 -7.82 20.18 1.99
CA ASP A 335 -6.53 19.58 1.65
C ASP A 335 -5.73 19.05 2.81
N ILE A 336 -6.42 18.48 3.77
CA ILE A 336 -5.75 17.80 4.85
C ILE A 336 -5.23 16.48 4.26
N LYS A 337 -3.92 16.22 4.44
CA LYS A 337 -3.22 15.11 3.78
C LYS A 337 -3.39 13.79 4.49
N SER A 338 -3.12 12.69 3.79
CA SER A 338 -3.23 11.36 4.42
C SER A 338 -2.44 11.26 5.74
N TYR A 339 -1.28 11.94 5.75
CA TYR A 339 -0.26 11.86 6.82
C TYR A 339 -0.44 12.96 7.82
N GLN A 340 -1.59 13.66 7.76
CA GLN A 340 -1.79 14.85 8.58
C GLN A 340 -2.78 14.47 9.69
N ASN A 341 -2.38 14.68 10.91
CA ASN A 341 -3.21 14.36 12.11
C ASN A 341 -3.81 15.57 12.79
N GLY A 342 -3.71 16.73 12.18
CA GLY A 342 -4.18 17.94 12.85
C GLY A 342 -4.06 19.12 11.99
N ILE A 343 -4.68 20.24 12.45
CA ILE A 343 -4.48 21.54 11.81
C ILE A 343 -4.07 22.53 12.88
N SER A 344 -3.25 23.49 12.45
CA SER A 344 -2.84 24.64 13.24
C SER A 344 -2.86 25.81 12.32
N GLN A 345 -3.88 26.65 12.54
CA GLN A 345 -4.16 27.70 11.58
C GLN A 345 -4.60 29.01 12.24
N SER A 346 -4.03 30.10 11.71
CA SER A 346 -4.37 31.42 12.12
C SER A 346 -5.68 31.76 11.42
N ILE A 347 -6.68 32.10 12.21
CA ILE A 347 -8.01 32.30 11.69
C ILE A 347 -8.86 33.22 12.64
N SER A 348 -9.71 34.03 12.01
CA SER A 348 -10.71 34.86 12.72
C SER A 348 -12.06 34.18 12.85
N LEU A 349 -12.37 33.77 14.07
CA LEU A 349 -13.64 33.14 14.34
C LEU A 349 -14.50 33.92 15.35
N PRO A 350 -15.83 33.81 15.25
CA PRO A 350 -16.72 34.23 16.34
C PRO A 350 -16.62 33.37 17.58
N THR A 351 -17.33 33.80 18.63
CA THR A 351 -17.29 33.18 19.96
C THR A 351 -17.80 31.74 20.06
N ASN A 352 -18.84 31.37 19.32
CA ASN A 352 -19.33 30.01 19.44
C ASN A 352 -19.37 29.33 18.10
N THR A 353 -18.35 28.54 17.78
CA THR A 353 -18.30 27.81 16.51
C THR A 353 -18.26 26.31 16.77
N TYR A 354 -18.58 25.56 15.69
CA TYR A 354 -18.75 24.14 15.69
C TYR A 354 -18.02 23.65 14.46
N ALA A 355 -17.20 22.63 14.65
CA ALA A 355 -16.37 22.08 13.60
C ALA A 355 -16.88 20.71 13.20
N LYS A 356 -16.96 20.48 11.90
CA LYS A 356 -17.28 19.19 11.36
C LYS A 356 -16.05 18.69 10.68
N ILE A 357 -15.51 17.62 11.25
CA ILE A 357 -14.30 17.03 10.74
C ILE A 357 -14.79 15.91 9.80
N VAL A 358 -14.30 15.89 8.58
CA VAL A 358 -14.71 14.88 7.63
C VAL A 358 -13.42 14.20 7.16
N LEU A 359 -13.20 12.98 7.62
CA LEU A 359 -12.07 12.18 7.13
C LEU A 359 -12.47 11.12 6.20
N THR A 360 -11.64 10.90 5.19
CA THR A 360 -11.90 9.80 4.32
C THR A 360 -10.71 8.90 4.29
N ASP A 361 -10.99 7.60 4.24
CA ASP A 361 -9.93 6.56 4.20
C ASP A 361 -9.48 6.17 2.79
N ILE A 362 -8.46 5.32 2.70
CA ILE A 362 -7.90 4.93 1.42
C ILE A 362 -8.89 4.09 0.57
N PHE A 363 -10.00 3.67 1.16
CA PHE A 363 -11.09 3.04 0.41
C PHE A 363 -12.24 3.99 0.14
N ASP A 364 -12.01 5.28 0.33
CA ASP A 364 -13.00 6.35 0.09
C ASP A 364 -14.22 6.25 1.01
N GLN A 365 -14.08 5.62 2.18
CA GLN A 365 -15.14 5.65 3.22
C GLN A 365 -14.98 6.89 4.06
N THR A 366 -16.06 7.60 4.35
CA THR A 366 -15.96 8.86 5.08
C THR A 366 -16.63 8.73 6.43
N VAL A 367 -16.00 9.31 7.45
CA VAL A 367 -16.56 9.35 8.80
C VAL A 367 -16.43 10.77 9.33
N GLU A 368 -17.54 11.29 9.82
CA GLU A 368 -17.59 12.66 10.36
C GLU A 368 -17.63 12.74 11.88
N LYS A 369 -17.01 13.78 12.42
CA LYS A 369 -17.14 14.08 13.84
C LYS A 369 -17.52 15.52 13.98
N LYS A 370 -18.34 15.79 14.96
CA LYS A 370 -18.76 17.17 15.27
C LYS A 370 -18.23 17.54 16.63
N VAL A 371 -17.62 18.70 16.75
CA VAL A 371 -17.05 19.17 18.00
C VAL A 371 -17.24 20.67 18.10
N LYS A 372 -17.48 21.13 19.32
CA LYS A 372 -17.57 22.54 19.61
C LYS A 372 -16.16 23.06 19.79
N ILE A 373 -15.93 24.28 19.32
CA ILE A 373 -14.60 24.90 19.38
C ILE A 373 -14.49 25.67 20.69
N LYS A 374 -13.63 25.16 21.58
CA LYS A 374 -13.39 25.71 22.94
C LYS A 374 -12.45 26.90 22.91
N ASN A 375 -12.19 27.45 24.11
CA ASN A 375 -11.14 28.45 24.34
C ASN A 375 -10.01 27.96 25.33
N GLU A 376 -9.39 26.78 25.07
CA GLU A 376 -8.08 26.45 25.72
C GLU A 376 -7.03 27.40 25.15
#